data_3NCA
#
_entry.id   3NCA
#
_cell.length_a   82.942
_cell.length_b   85.539
_cell.length_c   137.528
_cell.angle_alpha   90.00
_cell.angle_beta   90.00
_cell.angle_gamma   90.00
#
_symmetry.space_group_name_H-M   'P 21 21 21'
#
loop_
_entity.id
_entity.type
_entity.pdbx_description
1 polymer Ketohexokinase
2 non-polymer 'SULFATE ION'
3 non-polymer thieno[3,2-b]pyridin-7-ol
4 water water
#
_entity_poly.entity_id   1
_entity_poly.type   'polypeptide(L)'
_entity_poly.pdbx_seq_one_letter_code
;MGSSHHHHHHSSGLVPRGSQILCVGLVVLDVISLVDKYPKEDSEIRCLSQRWQRGGNASNSCTVLSLLGAPCAFMGSMAP
GHVADFLVADFRRRGVDVSQVAWQSKGDTPSSCCIINNSNGNRTIVLHDTSLPDVSATDFEKVDLTQFKWIHIEGRNASE
QVKMLQRIDAHNTRQPPEQKIRVSVEVEKPREELFQLFGYGDVVFVSKDVAKHLGFQSAEEALRGLYGRVRKGAVLVCAW
AEEGADALGPDGKLLHSDAFPPPRVVDTLGAGDTFNASVIFSLSQGRSVQEALRFGCQVAGKKCGLQGFDGIV
;
_entity_poly.pdbx_strand_id   A,B
#
# COMPACT_ATOMS: atom_id res chain seq x y z
N GLY A 18 -18.47 -13.46 32.44
CA GLY A 18 -18.99 -12.16 32.07
C GLY A 18 -17.97 -11.03 32.22
N SER A 19 -16.77 -11.25 31.69
CA SER A 19 -15.64 -10.37 31.94
C SER A 19 -15.00 -9.76 30.70
N GLN A 20 -15.55 -10.01 29.52
CA GLN A 20 -14.95 -9.53 28.28
C GLN A 20 -15.79 -8.49 27.57
N ILE A 21 -15.13 -7.59 26.83
CA ILE A 21 -15.85 -6.73 25.90
C ILE A 21 -15.69 -7.26 24.48
N LEU A 22 -16.75 -7.19 23.70
CA LEU A 22 -16.72 -7.70 22.34
C LEU A 22 -17.03 -6.61 21.34
N CYS A 23 -16.19 -6.46 20.32
CA CYS A 23 -16.52 -5.56 19.21
C CYS A 23 -16.84 -6.33 17.94
N VAL A 24 -17.87 -5.86 17.26
CA VAL A 24 -18.36 -6.49 16.06
C VAL A 24 -18.31 -5.49 14.91
N GLY A 25 -17.36 -5.70 13.99
CA GLY A 25 -17.24 -4.87 12.80
C GLY A 25 -16.14 -5.38 11.86
N LEU A 26 -15.49 -4.45 11.17
CA LEU A 26 -14.48 -4.77 10.16
C LEU A 26 -13.07 -4.91 10.70
N VAL A 27 -12.27 -5.74 10.03
CA VAL A 27 -10.83 -5.73 10.21
C VAL A 27 -10.23 -5.52 8.83
N VAL A 28 -9.29 -4.58 8.71
CA VAL A 28 -8.83 -4.16 7.41
C VAL A 28 -7.34 -3.94 7.50
N LEU A 29 -6.60 -4.31 6.46
CA LEU A 29 -5.16 -4.08 6.42
C LEU A 29 -4.96 -2.64 5.97
N ASP A 30 -4.41 -1.82 6.83
CA ASP A 30 -4.17 -0.42 6.48
C ASP A 30 -2.74 -0.28 6.01
N VAL A 31 -2.59 -0.01 4.71
CA VAL A 31 -1.29 0.19 4.11
C VAL A 31 -0.97 1.69 4.17
N ILE A 32 -0.13 2.09 5.12
CA ILE A 32 -0.02 3.50 5.47
C ILE A 32 1.20 4.18 4.89
N SER A 33 0.98 5.41 4.40
CA SER A 33 2.04 6.26 3.87
C SER A 33 2.04 7.57 4.62
N LEU A 34 3.17 7.93 5.21
CA LEU A 34 3.27 9.19 5.92
C LEU A 34 3.94 10.24 5.05
N VAL A 35 3.18 11.26 4.68
CA VAL A 35 3.69 12.32 3.80
C VAL A 35 3.72 13.62 4.56
N ASP A 36 4.53 14.59 4.12
CA ASP A 36 4.62 15.84 4.88
C ASP A 36 3.67 16.91 4.37
N LYS A 37 3.05 16.66 3.23
CA LYS A 37 1.91 17.44 2.79
C LYS A 37 1.06 16.59 1.86
N TYR A 38 -0.24 16.88 1.80
CA TYR A 38 -1.18 16.11 0.99
C TYR A 38 -0.92 16.38 -0.48
N PRO A 39 -0.73 15.30 -1.26
CA PRO A 39 -0.25 15.49 -2.64
C PRO A 39 -1.33 16.15 -3.49
N LYS A 40 -0.93 17.07 -4.34
CA LYS A 40 -1.88 17.69 -5.27
C LYS A 40 -2.24 16.67 -6.35
N GLU A 41 -3.47 16.72 -6.84
CA GLU A 41 -3.88 15.74 -7.85
C GLU A 41 -2.89 15.72 -9.00
N ASP A 42 -2.72 14.55 -9.59
CA ASP A 42 -1.92 14.45 -10.80
C ASP A 42 -0.47 14.81 -10.52
N SER A 43 -0.07 14.80 -9.26
CA SER A 43 1.32 15.10 -8.89
C SER A 43 2.07 13.87 -8.37
N GLU A 44 3.31 14.08 -7.96
CA GLU A 44 4.12 12.99 -7.47
C GLU A 44 5.09 13.41 -6.36
N ILE A 45 4.86 12.91 -5.15
CA ILE A 45 5.65 13.27 -3.97
C ILE A 45 6.21 12.00 -3.30
N ARG A 46 7.27 12.14 -2.52
CA ARG A 46 7.86 10.98 -1.87
C ARG A 46 7.53 10.92 -0.39
N CYS A 47 6.97 9.81 0.06
CA CYS A 47 6.53 9.72 1.45
C CYS A 47 7.70 9.67 2.44
N LEU A 48 7.48 10.21 3.63
CA LEU A 48 8.47 10.23 4.71
C LEU A 48 8.77 8.82 5.18
N SER A 49 7.73 8.01 5.40
CA SER A 49 7.88 6.65 5.89
C SER A 49 6.62 5.85 5.63
N GLN A 50 6.71 4.54 5.81
CA GLN A 50 5.56 3.72 5.53
C GLN A 50 5.45 2.57 6.51
N ARG A 51 4.24 2.08 6.69
CA ARG A 51 4.01 1.01 7.64
C ARG A 51 2.71 0.33 7.28
N TRP A 52 2.54 -0.91 7.74
CA TRP A 52 1.28 -1.61 7.65
C TRP A 52 0.69 -1.61 9.02
N GLN A 53 -0.63 -1.53 9.12
CA GLN A 53 -1.30 -1.47 10.40
C GLN A 53 -2.59 -2.26 10.32
N ARG A 54 -2.95 -2.95 11.40
CA ARG A 54 -4.27 -3.55 11.51
C ARG A 54 -5.30 -2.45 11.68
N GLY A 55 -6.39 -2.52 10.93
CA GLY A 55 -7.36 -1.42 10.94
C GLY A 55 -8.79 -1.91 10.89
N GLY A 56 -9.69 -1.04 10.44
CA GLY A 56 -11.11 -1.30 10.53
C GLY A 56 -11.59 -0.84 11.90
N ASN A 57 -12.79 -0.27 11.97
CA ASN A 57 -13.22 0.39 13.20
C ASN A 57 -13.25 -0.53 14.42
N ALA A 58 -13.96 -1.65 14.34
CA ALA A 58 -14.05 -2.54 15.49
C ALA A 58 -12.69 -3.16 15.84
N SER A 59 -11.85 -3.34 14.83
CA SER A 59 -10.48 -3.80 15.06
C SER A 59 -9.65 -2.77 15.84
N ASN A 60 -9.76 -1.50 15.47
CA ASN A 60 -9.04 -0.45 16.18
C ASN A 60 -9.45 -0.35 17.65
N SER A 61 -10.75 -0.35 17.90
CA SER A 61 -11.24 -0.28 19.27
C SER A 61 -10.76 -1.46 20.12
N CYS A 62 -10.54 -2.61 19.50
CA CYS A 62 -9.96 -3.77 20.22
C CYS A 62 -8.50 -3.52 20.59
N THR A 63 -7.78 -2.84 19.72
CA THR A 63 -6.41 -2.48 20.05
C THR A 63 -6.40 -1.61 21.30
N VAL A 64 -7.31 -0.65 21.33
CA VAL A 64 -7.32 0.37 22.38
C VAL A 64 -7.77 -0.23 23.70
N LEU A 65 -8.89 -0.97 23.66
CA LEU A 65 -9.41 -1.67 24.83
C LEU A 65 -8.35 -2.58 25.41
N SER A 66 -7.66 -3.30 24.55
CA SER A 66 -6.55 -4.11 25.01
C SER A 66 -5.48 -3.26 25.67
N LEU A 67 -5.09 -2.17 25.05
CA LEU A 67 -4.03 -1.35 25.63
C LEU A 67 -4.45 -0.80 26.99
N LEU A 68 -5.76 -0.63 27.20
CA LEU A 68 -6.28 -0.15 28.48
C LEU A 68 -6.40 -1.24 29.55
N GLY A 69 -6.15 -2.49 29.19
CA GLY A 69 -6.24 -3.61 30.13
C GLY A 69 -7.61 -4.29 30.17
N ALA A 70 -8.41 -4.13 29.13
CA ALA A 70 -9.73 -4.73 29.11
C ALA A 70 -9.77 -6.00 28.23
N PRO A 71 -9.97 -7.17 28.85
CA PRO A 71 -10.10 -8.35 27.99
C PRO A 71 -11.15 -8.08 26.95
N CYS A 72 -10.83 -8.33 25.70
CA CYS A 72 -11.80 -8.09 24.64
C CYS A 72 -11.68 -9.15 23.58
N ALA A 73 -12.62 -9.10 22.65
CA ALA A 73 -12.64 -10.08 21.59
C ALA A 73 -13.16 -9.39 20.36
N PHE A 74 -12.59 -9.75 19.22
CA PHE A 74 -13.08 -9.23 17.97
C PHE A 74 -13.94 -10.28 17.31
N MET A 75 -14.94 -9.81 16.58
CA MET A 75 -15.72 -10.66 15.72
C MET A 75 -15.94 -9.93 14.40
N GLY A 76 -15.39 -10.47 13.35
CA GLY A 76 -15.65 -9.97 12.01
C GLY A 76 -15.31 -11.04 11.00
N SER A 77 -15.61 -10.76 9.72
CA SER A 77 -15.23 -11.65 8.65
C SER A 77 -13.72 -11.63 8.39
N MET A 78 -13.20 -12.71 7.82
CA MET A 78 -11.80 -12.77 7.45
C MET A 78 -11.58 -13.97 6.52
N ALA A 79 -11.09 -13.71 5.32
CA ALA A 79 -10.70 -14.79 4.41
C ALA A 79 -9.28 -15.23 4.71
N PRO A 80 -9.04 -16.55 4.79
CA PRO A 80 -7.68 -17.03 5.07
C PRO A 80 -6.69 -16.64 3.96
N GLY A 81 -5.45 -16.36 4.35
CA GLY A 81 -4.43 -15.92 3.42
C GLY A 81 -3.23 -15.36 4.17
N HIS A 82 -2.26 -14.80 3.46
CA HIS A 82 -1.09 -14.23 4.13
C HIS A 82 -1.41 -12.91 4.84
N VAL A 83 -2.39 -12.18 4.31
CA VAL A 83 -2.87 -10.96 4.92
C VAL A 83 -3.50 -11.29 6.27
N ALA A 84 -4.53 -12.13 6.24
CA ALA A 84 -5.21 -12.53 7.47
C ALA A 84 -4.21 -13.08 8.49
N ASP A 85 -3.18 -13.77 8.01
CA ASP A 85 -2.17 -14.31 8.91
C ASP A 85 -1.43 -13.18 9.65
N PHE A 86 -1.29 -12.05 8.97
CA PHE A 86 -0.69 -10.87 9.58
C PHE A 86 -1.66 -10.24 10.58
N LEU A 87 -2.89 -10.00 10.13
CA LEU A 87 -3.90 -9.38 10.98
C LEU A 87 -4.04 -10.16 12.28
N VAL A 88 -4.04 -11.49 12.16
CA VAL A 88 -4.24 -12.34 13.33
C VAL A 88 -3.02 -12.36 14.27
N ALA A 89 -1.84 -12.31 13.68
CA ALA A 89 -0.64 -12.29 14.49
C ALA A 89 -0.61 -11.00 15.29
N ASP A 90 -1.35 -10.01 14.80
CA ASP A 90 -1.40 -8.71 15.46
C ASP A 90 -2.47 -8.71 16.57
N PHE A 91 -3.61 -9.30 16.25
CA PHE A 91 -4.66 -9.52 17.24
C PHE A 91 -4.10 -10.23 18.48
N ARG A 92 -3.42 -11.35 18.29
CA ARG A 92 -2.64 -11.92 19.37
C ARG A 92 -1.45 -10.99 19.50
N ARG A 93 -0.75 -11.02 20.62
CA ARG A 93 0.32 -10.04 20.79
C ARG A 93 -0.32 -8.81 21.38
N ARG A 94 -1.55 -8.55 20.97
CA ARG A 94 -2.36 -7.53 21.60
C ARG A 94 -3.27 -8.23 22.60
N GLY A 95 -3.42 -9.54 22.48
CA GLY A 95 -4.23 -10.29 23.41
C GLY A 95 -5.71 -10.22 23.06
N VAL A 96 -6.02 -9.90 21.82
CA VAL A 96 -7.42 -9.87 21.43
C VAL A 96 -7.83 -11.29 21.13
N ASP A 97 -8.84 -11.75 21.85
CA ASP A 97 -9.47 -13.02 21.58
C ASP A 97 -10.10 -12.95 20.20
N VAL A 98 -9.54 -13.68 19.25
CA VAL A 98 -10.07 -13.67 17.87
C VAL A 98 -11.00 -14.86 17.60
N SER A 99 -11.13 -15.74 18.60
CA SER A 99 -11.85 -17.01 18.44
C SER A 99 -13.30 -16.90 17.98
N GLN A 100 -13.77 -15.70 17.67
CA GLN A 100 -15.17 -15.54 17.28
C GLN A 100 -15.31 -15.09 15.82
N VAL A 101 -14.17 -15.03 15.14
CA VAL A 101 -14.12 -14.59 13.73
C VAL A 101 -14.91 -15.48 12.78
N ALA A 102 -15.72 -14.86 11.92
CA ALA A 102 -16.43 -15.58 10.86
C ALA A 102 -15.56 -15.80 9.61
N TRP A 103 -14.69 -16.79 9.65
CA TRP A 103 -13.81 -17.13 8.53
C TRP A 103 -14.53 -17.43 7.22
N GLN A 104 -14.25 -16.63 6.19
CA GLN A 104 -14.89 -16.75 4.89
C GLN A 104 -14.14 -17.66 3.92
N SER A 105 -14.83 -18.06 2.85
CA SER A 105 -14.22 -18.81 1.75
C SER A 105 -14.13 -17.92 0.53
N LYS A 106 -15.27 -17.32 0.18
CA LYS A 106 -15.35 -16.32 -0.89
C LYS A 106 -14.70 -15.00 -0.48
N GLY A 107 -14.03 -14.33 -1.43
CA GLY A 107 -13.49 -13.00 -1.22
C GLY A 107 -12.10 -12.91 -0.59
N ASP A 108 -11.46 -11.77 -0.78
CA ASP A 108 -10.18 -11.45 -0.13
C ASP A 108 -10.44 -10.49 1.02
N THR A 109 -9.52 -10.45 1.98
CA THR A 109 -9.63 -9.48 3.07
C THR A 109 -9.39 -8.10 2.48
N PRO A 110 -10.17 -7.11 2.95
CA PRO A 110 -10.11 -5.73 2.45
C PRO A 110 -8.79 -5.06 2.85
N SER A 111 -8.45 -3.98 2.18
CA SER A 111 -7.29 -3.21 2.56
C SER A 111 -7.47 -1.78 2.14
N SER A 112 -6.76 -0.88 2.82
CA SER A 112 -6.86 0.55 2.56
C SER A 112 -5.52 1.11 2.20
N CYS A 113 -5.51 2.05 1.28
CA CYS A 113 -4.39 2.95 1.21
C CYS A 113 -4.71 4.11 2.11
N CYS A 114 -3.79 4.43 3.01
CA CYS A 114 -3.99 5.53 3.92
C CYS A 114 -2.85 6.52 3.80
N ILE A 115 -3.18 7.74 3.39
CA ILE A 115 -2.19 8.80 3.32
C ILE A 115 -2.36 9.66 4.56
N ILE A 116 -1.33 9.71 5.39
CA ILE A 116 -1.36 10.49 6.63
C ILE A 116 -0.48 11.73 6.46
N ASN A 117 -1.09 12.90 6.65
CA ASN A 117 -0.41 14.15 6.45
C ASN A 117 0.31 14.49 7.72
N ASN A 118 1.64 14.41 7.70
CA ASN A 118 2.39 14.52 8.95
C ASN A 118 2.51 15.93 9.50
N SER A 119 1.93 16.90 8.81
CA SER A 119 1.99 18.26 9.29
C SER A 119 0.70 18.65 10.03
N ASN A 120 -0.33 17.84 9.90
CA ASN A 120 -1.55 18.08 10.66
C ASN A 120 -2.33 16.81 11.04
N GLY A 121 -1.72 15.66 10.80
CA GLY A 121 -2.37 14.39 11.11
C GLY A 121 -3.62 14.05 10.33
N ASN A 122 -4.00 14.87 9.34
CA ASN A 122 -5.11 14.51 8.48
C ASN A 122 -4.85 13.13 7.89
N ARG A 123 -5.88 12.32 7.78
CA ARG A 123 -5.69 11.00 7.22
C ARG A 123 -6.75 10.77 6.17
N THR A 124 -6.30 10.32 5.01
CA THR A 124 -7.13 10.12 3.83
C THR A 124 -7.10 8.64 3.52
N ILE A 125 -8.27 8.04 3.29
CA ILE A 125 -8.37 6.59 3.17
C ILE A 125 -9.07 6.10 1.92
N VAL A 126 -8.36 5.34 1.09
CA VAL A 126 -8.97 4.72 -0.08
C VAL A 126 -9.20 3.26 0.25
N LEU A 127 -10.45 2.91 0.51
CA LEU A 127 -10.82 1.55 0.89
C LEU A 127 -11.14 0.70 -0.33
N HIS A 128 -10.50 -0.46 -0.40
CA HIS A 128 -10.85 -1.47 -1.37
C HIS A 128 -11.74 -2.47 -0.68
N ASP A 129 -13.02 -2.18 -0.60
CA ASP A 129 -13.93 -3.10 0.06
C ASP A 129 -14.20 -4.31 -0.82
N THR A 130 -13.57 -5.42 -0.47
CA THR A 130 -13.68 -6.65 -1.21
C THR A 130 -15.11 -7.19 -1.09
N SER A 131 -15.45 -8.18 -1.91
CA SER A 131 -16.80 -8.75 -1.89
C SER A 131 -17.05 -9.50 -0.59
N LEU A 132 -15.98 -9.80 0.15
CA LEU A 132 -16.09 -10.48 1.45
C LEU A 132 -17.42 -10.12 2.14
N PRO A 133 -18.13 -11.16 2.59
CA PRO A 133 -19.50 -11.08 3.11
C PRO A 133 -19.53 -10.81 4.61
N ASP A 134 -20.48 -9.97 5.02
CA ASP A 134 -20.53 -9.52 6.41
C ASP A 134 -20.98 -10.62 7.38
N VAL A 135 -20.43 -10.58 8.59
CA VAL A 135 -20.94 -11.38 9.70
C VAL A 135 -22.46 -11.19 9.76
N SER A 136 -23.20 -12.27 10.01
CA SER A 136 -24.66 -12.20 9.92
C SER A 136 -25.36 -12.65 11.20
N ALA A 137 -26.67 -12.41 11.24
CA ALA A 137 -27.49 -12.84 12.38
C ALA A 137 -27.19 -14.29 12.78
N THR A 138 -26.94 -15.14 11.78
CA THR A 138 -26.66 -16.55 12.03
C THR A 138 -25.30 -16.77 12.67
N ASP A 139 -24.27 -16.11 12.11
CA ASP A 139 -22.94 -16.19 12.71
C ASP A 139 -23.07 -15.86 14.18
N PHE A 140 -23.86 -14.82 14.43
CA PHE A 140 -23.96 -14.23 15.76
C PHE A 140 -24.75 -15.10 16.71
N GLU A 141 -25.91 -15.56 16.25
CA GLU A 141 -26.79 -16.46 17.00
C GLU A 141 -26.01 -17.64 17.56
N LYS A 142 -24.74 -17.70 17.19
CA LYS A 142 -23.90 -18.85 17.44
C LYS A 142 -22.89 -18.54 18.53
N VAL A 143 -23.02 -17.38 19.18
CA VAL A 143 -22.01 -16.94 20.15
C VAL A 143 -22.50 -16.99 21.59
N ASP A 144 -21.59 -17.35 22.50
CA ASP A 144 -21.90 -17.50 23.93
C ASP A 144 -21.91 -16.15 24.67
N LEU A 145 -23.07 -15.51 24.68
CA LEU A 145 -23.21 -14.19 25.28
C LEU A 145 -22.75 -14.07 26.73
N THR A 146 -22.61 -15.20 27.41
CA THR A 146 -22.35 -15.14 28.85
C THR A 146 -20.92 -14.71 29.21
N GLN A 147 -20.05 -14.57 28.22
CA GLN A 147 -18.66 -14.19 28.45
C GLN A 147 -18.45 -12.68 28.51
N PHE A 148 -19.48 -11.93 28.11
CA PHE A 148 -19.34 -10.51 27.80
C PHE A 148 -20.12 -9.58 28.71
N LYS A 149 -19.47 -8.52 29.18
CA LYS A 149 -20.11 -7.45 29.94
C LYS A 149 -20.66 -6.37 29.03
N TRP A 150 -20.05 -6.26 27.85
CA TRP A 150 -20.37 -5.22 26.86
C TRP A 150 -20.32 -5.78 25.44
N ILE A 151 -21.23 -5.33 24.58
CA ILE A 151 -21.09 -5.61 23.16
C ILE A 151 -21.21 -4.35 22.33
N HIS A 152 -20.13 -4.02 21.62
CA HIS A 152 -20.13 -2.89 20.71
C HIS A 152 -20.27 -3.35 19.26
N ILE A 153 -21.20 -2.75 18.52
CA ILE A 153 -21.43 -3.10 17.12
C ILE A 153 -21.18 -1.91 16.17
N GLU A 154 -20.22 -2.09 15.25
CA GLU A 154 -19.96 -1.11 14.20
C GLU A 154 -21.02 -1.23 13.11
N GLY A 155 -21.89 -0.24 13.00
CA GLY A 155 -22.92 -0.26 11.98
C GLY A 155 -22.41 -0.50 10.58
N ARG A 156 -22.62 -1.70 10.06
CA ARG A 156 -22.29 -2.01 8.66
C ARG A 156 -23.49 -2.58 7.88
N ASN A 157 -23.75 -3.88 8.04
CA ASN A 157 -24.97 -4.51 7.50
C ASN A 157 -26.15 -4.37 8.45
N ALA A 158 -26.89 -3.28 8.29
CA ALA A 158 -27.90 -2.85 9.25
C ALA A 158 -28.94 -3.91 9.57
N SER A 159 -29.86 -4.11 8.64
CA SER A 159 -30.99 -5.03 8.83
C SER A 159 -30.54 -6.36 9.45
N GLU A 160 -29.39 -6.84 9.03
CA GLU A 160 -28.85 -8.10 9.55
C GLU A 160 -28.30 -7.96 10.98
N GLN A 161 -27.98 -6.73 11.38
CA GLN A 161 -27.43 -6.49 12.71
C GLN A 161 -28.53 -6.16 13.69
N VAL A 162 -29.58 -5.51 13.18
CA VAL A 162 -30.73 -5.20 14.02
C VAL A 162 -31.18 -6.48 14.67
N LYS A 163 -30.99 -7.59 13.97
CA LYS A 163 -31.32 -8.92 14.49
C LYS A 163 -30.39 -9.34 15.63
N MET A 164 -29.08 -9.17 15.43
CA MET A 164 -28.12 -9.47 16.50
C MET A 164 -28.46 -8.63 17.73
N LEU A 165 -29.02 -7.45 17.48
CA LEU A 165 -29.40 -6.56 18.57
C LEU A 165 -30.64 -7.04 19.30
N GLN A 166 -31.63 -7.52 18.55
CA GLN A 166 -32.83 -8.09 19.17
C GLN A 166 -32.43 -9.28 20.02
N ARG A 167 -31.50 -10.09 19.53
CA ARG A 167 -31.04 -11.24 20.31
C ARG A 167 -30.50 -10.82 21.66
N ILE A 168 -29.70 -9.76 21.70
CA ILE A 168 -29.05 -9.35 22.95
C ILE A 168 -30.06 -8.78 23.94
N ASP A 169 -31.03 -8.03 23.44
CA ASP A 169 -32.13 -7.56 24.27
C ASP A 169 -32.84 -8.74 24.94
N ALA A 170 -33.30 -9.69 24.11
CA ALA A 170 -33.87 -10.94 24.60
C ALA A 170 -33.07 -11.55 25.76
N HIS A 171 -31.79 -11.83 25.51
CA HIS A 171 -30.94 -12.41 26.54
C HIS A 171 -30.96 -11.56 27.80
N ASN A 172 -31.08 -10.26 27.60
CA ASN A 172 -31.12 -9.33 28.72
C ASN A 172 -32.36 -9.50 29.57
N THR A 173 -33.53 -9.42 28.92
CA THR A 173 -34.80 -9.68 29.59
C THR A 173 -34.66 -10.81 30.62
N ARG A 174 -34.05 -11.92 30.22
CA ARG A 174 -33.90 -13.08 31.11
C ARG A 174 -32.71 -12.96 32.07
N GLN A 175 -32.42 -11.75 32.52
CA GLN A 175 -31.23 -11.53 33.33
C GLN A 175 -31.42 -10.44 34.37
N PRO A 176 -30.87 -10.67 35.58
CA PRO A 176 -30.96 -9.72 36.70
C PRO A 176 -30.15 -8.48 36.39
N PRO A 177 -30.73 -7.27 36.54
CA PRO A 177 -29.97 -6.05 36.21
C PRO A 177 -28.49 -6.20 36.57
N GLU A 178 -28.23 -6.92 37.67
CA GLU A 178 -26.87 -7.28 38.06
C GLU A 178 -25.99 -7.75 36.89
N GLN A 179 -26.58 -8.43 35.92
CA GLN A 179 -25.80 -9.08 34.86
C GLN A 179 -26.34 -8.92 33.44
N LYS A 180 -27.00 -7.82 33.13
CA LYS A 180 -27.36 -7.56 31.74
C LYS A 180 -26.10 -7.22 30.95
N ILE A 181 -26.11 -7.54 29.66
CA ILE A 181 -25.03 -7.18 28.76
C ILE A 181 -25.28 -5.76 28.22
N ARG A 182 -24.39 -4.82 28.52
CA ARG A 182 -24.55 -3.46 27.99
C ARG A 182 -24.15 -3.42 26.50
N VAL A 183 -24.75 -2.49 25.77
CA VAL A 183 -24.59 -2.50 24.34
C VAL A 183 -24.38 -1.11 23.80
N SER A 184 -23.41 -1.00 22.88
CA SER A 184 -23.20 0.26 22.20
C SER A 184 -23.15 0.01 20.71
N VAL A 185 -23.40 1.07 19.96
CA VAL A 185 -23.62 1.05 18.53
C VAL A 185 -22.95 2.26 17.87
N GLU A 186 -22.19 2.03 16.81
CA GLU A 186 -21.57 3.15 16.08
C GLU A 186 -22.24 3.35 14.73
N VAL A 187 -22.68 4.56 14.47
CA VAL A 187 -23.16 4.95 13.15
C VAL A 187 -22.17 5.99 12.58
N GLU A 188 -21.11 5.52 11.94
CA GLU A 188 -20.06 6.42 11.46
C GLU A 188 -20.27 6.86 10.02
N LYS A 189 -21.03 6.07 9.26
CA LYS A 189 -21.21 6.40 7.85
C LYS A 189 -22.60 6.99 7.56
N PRO A 190 -22.64 8.07 6.76
CA PRO A 190 -23.88 8.79 6.47
C PRO A 190 -24.74 7.98 5.51
N ARG A 191 -25.28 6.88 6.01
CA ARG A 191 -25.92 5.89 5.16
C ARG A 191 -27.28 5.48 5.73
N GLU A 192 -28.31 5.55 4.88
CA GLU A 192 -29.69 5.31 5.29
C GLU A 192 -29.94 3.98 6.03
N GLU A 193 -29.47 2.87 5.46
CA GLU A 193 -29.71 1.55 6.04
C GLU A 193 -29.47 1.58 7.55
N LEU A 194 -28.49 2.38 7.96
CA LEU A 194 -27.96 2.35 9.33
C LEU A 194 -28.76 3.16 10.34
N PHE A 195 -29.56 4.10 9.86
CA PHE A 195 -30.28 5.02 10.75
C PHE A 195 -31.31 4.34 11.64
N GLN A 196 -31.66 3.09 11.32
CA GLN A 196 -32.57 2.34 12.18
C GLN A 196 -31.85 1.96 13.47
N LEU A 197 -30.53 1.90 13.40
CA LEU A 197 -29.68 1.45 14.51
C LEU A 197 -29.63 2.41 15.71
N PHE A 198 -30.09 3.65 15.52
CA PHE A 198 -30.16 4.60 16.62
C PHE A 198 -31.06 4.05 17.71
N GLY A 199 -31.92 3.12 17.32
CA GLY A 199 -32.91 2.56 18.23
C GLY A 199 -32.46 1.43 19.13
N TYR A 200 -31.15 1.16 19.16
CA TYR A 200 -30.66 0.11 20.04
C TYR A 200 -29.42 0.55 20.78
N GLY A 201 -29.08 -0.18 21.82
CA GLY A 201 -27.90 0.11 22.61
C GLY A 201 -28.18 1.15 23.68
N ASP A 202 -27.43 1.04 24.77
CA ASP A 202 -27.54 1.99 25.86
C ASP A 202 -26.72 3.23 25.53
N VAL A 203 -25.73 3.04 24.64
CA VAL A 203 -24.88 4.13 24.17
C VAL A 203 -24.85 4.11 22.66
N VAL A 204 -25.00 5.28 22.05
CA VAL A 204 -25.04 5.41 20.60
C VAL A 204 -24.07 6.46 20.08
N PHE A 205 -23.04 6.02 19.36
CA PHE A 205 -22.06 6.94 18.82
C PHE A 205 -22.43 7.35 17.40
N VAL A 206 -22.62 8.66 17.20
CA VAL A 206 -22.82 9.22 15.87
C VAL A 206 -21.66 10.16 15.49
N SER A 207 -21.12 9.98 14.29
CA SER A 207 -19.98 10.75 13.84
C SER A 207 -20.36 12.16 13.41
N LYS A 208 -19.36 13.02 13.37
CA LYS A 208 -19.50 14.40 12.92
C LYS A 208 -19.97 14.41 11.46
N ASP A 209 -19.41 13.50 10.66
CA ASP A 209 -19.80 13.36 9.27
C ASP A 209 -21.28 13.05 9.11
N VAL A 210 -21.77 12.04 9.83
CA VAL A 210 -23.19 11.70 9.79
C VAL A 210 -24.03 12.91 10.17
N ALA A 211 -23.57 13.64 11.17
CA ALA A 211 -24.32 14.77 11.69
C ALA A 211 -24.40 15.87 10.66
N LYS A 212 -23.25 16.23 10.09
CA LYS A 212 -23.20 17.25 9.05
C LYS A 212 -24.04 16.85 7.83
N HIS A 213 -23.85 15.62 7.36
CA HIS A 213 -24.60 15.07 6.23
C HIS A 213 -26.09 15.06 6.47
N LEU A 214 -26.52 15.67 7.57
CA LEU A 214 -27.89 15.49 8.03
C LEU A 214 -28.48 16.81 8.53
N GLY A 215 -27.75 17.90 8.28
CA GLY A 215 -28.20 19.25 8.63
C GLY A 215 -27.31 20.01 9.60
N PHE A 216 -26.90 19.33 10.67
CA PHE A 216 -26.29 19.95 11.85
C PHE A 216 -24.82 20.35 11.68
N GLN A 217 -24.42 21.47 12.28
CA GLN A 217 -23.01 21.84 12.25
C GLN A 217 -22.38 22.04 13.63
N SER A 218 -22.99 21.44 14.64
CA SER A 218 -22.36 21.35 15.96
C SER A 218 -22.77 20.06 16.66
N ALA A 219 -22.00 19.68 17.66
CA ALA A 219 -22.29 18.49 18.45
C ALA A 219 -23.55 18.68 19.30
N GLU A 220 -23.83 19.91 19.71
CA GLU A 220 -25.03 20.14 20.54
C GLU A 220 -26.33 20.16 19.71
N GLU A 221 -26.27 20.74 18.52
CA GLU A 221 -27.39 20.68 17.57
C GLU A 221 -27.74 19.23 17.32
N ALA A 222 -26.74 18.46 16.89
CA ALA A 222 -26.92 17.07 16.55
C ALA A 222 -27.63 16.29 17.64
N LEU A 223 -27.18 16.45 18.88
CA LEU A 223 -27.76 15.71 20.01
C LEU A 223 -29.24 16.04 20.26
N ARG A 224 -29.59 17.32 20.14
CA ARG A 224 -30.98 17.75 20.26
C ARG A 224 -31.83 17.10 19.17
N GLY A 225 -31.36 17.20 17.93
CA GLY A 225 -32.06 16.62 16.79
C GLY A 225 -32.24 15.11 16.92
N LEU A 226 -31.14 14.39 17.05
CA LEU A 226 -31.19 12.95 16.94
C LEU A 226 -31.70 12.22 18.19
N TYR A 227 -31.86 12.90 19.31
CA TYR A 227 -32.19 12.17 20.54
C TYR A 227 -33.53 11.44 20.50
N GLY A 228 -34.47 12.00 19.75
CA GLY A 228 -35.75 11.36 19.55
C GLY A 228 -35.64 9.94 19.03
N ARG A 229 -34.59 9.66 18.24
CA ARG A 229 -34.43 8.37 17.56
C ARG A 229 -33.87 7.22 18.42
N VAL A 230 -33.46 7.50 19.64
CA VAL A 230 -32.75 6.49 20.42
C VAL A 230 -33.66 5.74 21.36
N ARG A 231 -33.25 4.54 21.74
CA ARG A 231 -33.99 3.72 22.69
C ARG A 231 -34.16 4.44 24.03
N LYS A 232 -35.37 4.37 24.58
CA LYS A 232 -35.65 4.95 25.89
C LYS A 232 -34.55 4.64 26.89
N GLY A 233 -33.95 5.69 27.44
CA GLY A 233 -32.96 5.56 28.50
C GLY A 233 -31.50 5.56 28.06
N ALA A 234 -31.26 5.66 26.75
CA ALA A 234 -29.91 5.54 26.22
C ALA A 234 -29.19 6.86 26.14
N VAL A 235 -27.85 6.80 26.11
CA VAL A 235 -27.02 7.98 25.93
C VAL A 235 -26.56 8.09 24.47
N LEU A 236 -26.66 9.28 23.92
CA LEU A 236 -26.21 9.53 22.57
C LEU A 236 -24.91 10.34 22.67
N VAL A 237 -23.85 9.87 22.00
CA VAL A 237 -22.55 10.54 22.05
C VAL A 237 -22.10 11.04 20.68
N CYS A 238 -21.59 12.27 20.64
CA CYS A 238 -21.05 12.80 19.39
C CYS A 238 -19.72 13.52 19.61
N ALA A 239 -18.65 12.95 19.05
CA ALA A 239 -17.38 13.62 19.08
C ALA A 239 -17.31 14.57 17.90
N TRP A 240 -16.49 15.60 18.02
CA TRP A 240 -16.40 16.61 16.96
C TRP A 240 -14.95 17.09 16.88
N ALA A 241 -14.03 16.15 16.94
CA ALA A 241 -12.62 16.44 16.77
C ALA A 241 -12.13 17.46 17.81
N GLU A 242 -11.52 18.54 17.33
CA GLU A 242 -10.91 19.51 18.23
C GLU A 242 -11.97 20.31 18.97
N GLU A 243 -13.22 20.15 18.58
CA GLU A 243 -14.32 20.76 19.34
C GLU A 243 -14.64 19.95 20.59
N GLY A 244 -13.96 18.82 20.76
CA GLY A 244 -14.29 17.92 21.85
C GLY A 244 -15.46 17.00 21.53
N ALA A 245 -16.27 16.71 22.53
CA ALA A 245 -17.29 15.70 22.37
C ALA A 245 -18.41 16.05 23.30
N ASP A 246 -19.63 15.66 22.94
CA ASP A 246 -20.81 15.95 23.75
C ASP A 246 -21.62 14.67 23.94
N ALA A 247 -22.37 14.62 25.05
CA ALA A 247 -23.22 13.47 25.30
C ALA A 247 -24.59 13.97 25.76
N LEU A 248 -25.64 13.19 25.52
CA LEU A 248 -26.98 13.59 25.95
C LEU A 248 -27.72 12.35 26.41
N GLY A 249 -28.07 12.33 27.68
CA GLY A 249 -28.81 11.20 28.23
C GLY A 249 -30.29 11.48 28.40
N PRO A 250 -30.97 10.63 29.16
CA PRO A 250 -32.42 10.76 29.40
C PRO A 250 -32.76 11.97 30.26
N ASP A 251 -31.83 12.41 31.11
CA ASP A 251 -32.08 13.57 31.97
C ASP A 251 -32.19 14.86 31.18
N GLY A 252 -31.88 14.82 29.89
CA GLY A 252 -32.02 16.00 29.06
C GLY A 252 -30.90 17.01 29.19
N LYS A 253 -29.90 16.72 30.03
CA LYS A 253 -28.77 17.64 30.25
C LYS A 253 -27.63 17.39 29.28
N LEU A 254 -27.25 18.43 28.56
CA LEU A 254 -26.13 18.31 27.64
C LEU A 254 -24.82 18.17 28.43
N LEU A 255 -24.03 17.17 28.07
CA LEU A 255 -22.70 17.01 28.65
C LEU A 255 -21.62 17.41 27.65
N HIS A 256 -20.56 18.04 28.13
CA HIS A 256 -19.50 18.43 27.23
C HIS A 256 -18.10 18.12 27.77
N SER A 257 -17.17 17.90 26.86
CA SER A 257 -15.77 17.75 27.21
C SER A 257 -14.90 18.43 26.16
N ASP A 258 -14.03 19.33 26.59
CA ASP A 258 -13.06 19.89 25.67
C ASP A 258 -12.16 18.76 25.18
N ALA A 259 -11.48 18.98 24.07
CA ALA A 259 -10.52 18.01 23.55
C ALA A 259 -9.22 18.13 24.32
N PHE A 260 -8.40 17.10 24.24
CA PHE A 260 -7.03 17.16 24.73
C PHE A 260 -6.08 17.10 23.53
N PRO A 261 -6.11 18.11 22.67
CA PRO A 261 -5.23 18.11 21.49
C PRO A 261 -3.76 18.07 21.89
N PRO A 262 -2.96 17.25 21.20
CA PRO A 262 -1.52 17.37 21.46
C PRO A 262 -0.96 18.63 20.76
N PRO A 263 0.13 19.17 21.30
CA PRO A 263 0.88 20.28 20.69
C PRO A 263 1.11 20.07 19.20
N ARG A 264 1.64 18.92 18.83
CA ARG A 264 1.78 18.56 17.42
C ARG A 264 0.96 17.32 17.03
N VAL A 265 -0.19 17.56 16.39
CA VAL A 265 -1.04 16.48 15.87
C VAL A 265 -0.44 15.83 14.62
N VAL A 266 0.08 14.61 14.76
CA VAL A 266 0.81 13.93 13.66
C VAL A 266 0.10 12.74 12.99
N ASP A 267 -0.98 12.22 13.60
CA ASP A 267 -1.68 11.04 13.07
C ASP A 267 -3.11 10.77 13.61
N THR A 268 -4.13 11.21 12.89
CA THR A 268 -5.49 11.03 13.38
C THR A 268 -6.18 9.77 12.91
N LEU A 269 -5.41 8.83 12.38
CA LEU A 269 -5.99 7.60 11.87
C LEU A 269 -6.49 6.76 13.02
N GLY A 270 -7.80 6.58 13.10
CA GLY A 270 -8.36 5.79 14.18
C GLY A 270 -8.41 6.55 15.50
N ALA A 271 -8.51 7.87 15.46
CA ALA A 271 -8.76 8.63 16.69
C ALA A 271 -10.20 8.41 17.15
N GLY A 272 -11.12 8.42 16.20
CA GLY A 272 -12.52 8.18 16.49
C GLY A 272 -12.72 6.83 17.15
N ASP A 273 -12.00 5.82 16.68
CA ASP A 273 -12.16 4.51 17.28
C ASP A 273 -11.55 4.51 18.67
N THR A 274 -10.49 5.29 18.86
CA THR A 274 -9.85 5.41 20.16
C THR A 274 -10.79 6.10 21.16
N PHE A 275 -11.46 7.15 20.69
CA PHE A 275 -12.52 7.76 21.48
C PHE A 275 -13.62 6.75 21.85
N ASN A 276 -14.26 6.12 20.86
CA ASN A 276 -15.26 5.11 21.14
C ASN A 276 -14.78 4.09 22.19
N ALA A 277 -13.62 3.48 21.94
CA ALA A 277 -13.13 2.45 22.83
C ALA A 277 -13.01 2.97 24.24
N SER A 278 -12.48 4.17 24.36
CA SER A 278 -12.18 4.73 25.67
C SER A 278 -13.45 5.09 26.43
N VAL A 279 -14.45 5.55 25.69
CA VAL A 279 -15.74 5.85 26.30
C VAL A 279 -16.33 4.53 26.80
N ILE A 280 -16.30 3.52 25.94
CA ILE A 280 -16.83 2.21 26.30
C ILE A 280 -16.10 1.68 27.52
N PHE A 281 -14.79 1.82 27.52
CA PHE A 281 -14.00 1.29 28.62
C PHE A 281 -14.43 1.92 29.91
N SER A 282 -14.44 3.24 29.93
CA SER A 282 -14.72 4.00 31.13
C SER A 282 -16.12 3.64 31.65
N LEU A 283 -17.11 3.61 30.77
CA LEU A 283 -18.44 3.28 31.22
C LEU A 283 -18.47 1.87 31.81
N SER A 284 -17.79 0.94 31.17
CA SER A 284 -17.81 -0.45 31.62
C SER A 284 -17.15 -0.57 33.00
N GLN A 285 -16.44 0.47 33.42
CA GLN A 285 -15.88 0.51 34.77
C GLN A 285 -16.75 1.32 35.72
N GLY A 286 -17.97 1.63 35.28
CA GLY A 286 -18.91 2.34 36.11
C GLY A 286 -18.61 3.80 36.39
N ARG A 287 -17.87 4.47 35.52
CA ARG A 287 -17.69 5.91 35.68
C ARG A 287 -18.90 6.62 35.09
N SER A 288 -19.07 7.88 35.48
CA SER A 288 -20.20 8.64 35.00
C SER A 288 -20.03 8.97 33.52
N VAL A 289 -21.11 9.41 32.90
CA VAL A 289 -21.03 9.84 31.52
C VAL A 289 -20.10 11.02 31.33
N GLN A 290 -20.14 11.98 32.24
CA GLN A 290 -19.18 13.08 32.17
C GLN A 290 -17.76 12.53 32.25
N GLU A 291 -17.50 11.63 33.20
CA GLU A 291 -16.14 11.14 33.34
C GLU A 291 -15.66 10.44 32.07
N ALA A 292 -16.54 9.64 31.47
CA ALA A 292 -16.18 8.85 30.30
C ALA A 292 -16.00 9.72 29.05
N LEU A 293 -16.81 10.77 28.93
CA LEU A 293 -16.64 11.73 27.85
C LEU A 293 -15.21 12.26 27.88
N ARG A 294 -14.81 12.80 29.03
CA ARG A 294 -13.46 13.29 29.25
C ARG A 294 -12.38 12.22 28.97
N PHE A 295 -12.63 10.98 29.37
CA PHE A 295 -11.62 9.95 29.16
C PHE A 295 -11.40 9.73 27.67
N GLY A 296 -12.50 9.62 26.94
CA GLY A 296 -12.46 9.46 25.49
C GLY A 296 -11.62 10.53 24.81
N CYS A 297 -11.90 11.78 25.11
CA CYS A 297 -11.12 12.86 24.52
C CYS A 297 -9.70 12.73 24.97
N GLN A 298 -9.51 12.32 26.22
CA GLN A 298 -8.17 12.36 26.77
C GLN A 298 -7.27 11.41 26.01
N VAL A 299 -7.80 10.23 25.73
CA VAL A 299 -7.03 9.14 25.14
C VAL A 299 -6.90 9.34 23.62
N ALA A 300 -8.01 9.74 22.98
CA ALA A 300 -8.00 10.07 21.57
C ALA A 300 -6.98 11.16 21.27
N GLY A 301 -6.94 12.18 22.14
CA GLY A 301 -6.01 13.27 21.99
C GLY A 301 -4.57 12.81 22.14
N LYS A 302 -4.34 11.94 23.10
CA LYS A 302 -3.01 11.35 23.29
C LYS A 302 -2.56 10.56 22.04
N LYS A 303 -3.48 9.85 21.40
CA LYS A 303 -3.16 9.05 20.22
C LYS A 303 -2.83 9.91 18.99
N CYS A 304 -3.50 11.06 18.87
CA CYS A 304 -3.28 11.98 17.76
C CYS A 304 -1.87 12.54 17.74
N GLY A 305 -1.13 12.35 18.82
CA GLY A 305 0.22 12.85 18.90
C GLY A 305 1.23 11.75 18.68
N LEU A 306 0.75 10.58 18.31
CA LEU A 306 1.61 9.43 18.05
C LEU A 306 1.27 8.80 16.68
N GLN A 307 2.24 8.14 16.08
CA GLN A 307 1.95 7.28 14.93
C GLN A 307 1.50 5.92 15.49
N GLY A 308 0.31 5.47 15.12
CA GLY A 308 -0.20 4.20 15.64
C GLY A 308 -0.80 4.26 17.04
N PHE A 309 -0.72 3.17 17.78
CA PHE A 309 -1.36 3.08 19.10
C PHE A 309 -0.37 2.79 20.19
N ASP A 310 0.79 2.29 19.81
CA ASP A 310 1.86 2.10 20.78
C ASP A 310 2.19 3.41 21.48
N GLY A 311 1.87 3.50 22.77
CA GLY A 311 2.32 4.64 23.53
C GLY A 311 1.21 5.46 24.18
N ILE A 312 -0.05 5.14 23.86
CA ILE A 312 -1.17 5.88 24.44
C ILE A 312 -1.33 5.54 25.93
N VAL A 313 -0.70 4.46 26.36
CA VAL A 313 -0.57 4.19 27.78
C VAL A 313 0.91 4.02 28.13
N GLY B 13 19.54 -24.14 -5.79
CA GLY B 13 19.83 -25.11 -6.84
C GLY B 13 21.02 -24.72 -7.71
N LEU B 14 21.48 -25.69 -8.50
CA LEU B 14 22.65 -25.56 -9.35
C LEU B 14 22.37 -24.83 -10.67
N VAL B 15 23.09 -23.71 -10.87
CA VAL B 15 22.95 -22.88 -12.06
C VAL B 15 24.12 -23.11 -13.00
N PRO B 16 23.86 -23.59 -14.22
CA PRO B 16 24.97 -23.83 -15.13
C PRO B 16 25.80 -22.58 -15.40
N ARG B 17 27.10 -22.76 -15.60
CA ARG B 17 28.01 -21.64 -15.84
C ARG B 17 27.55 -20.83 -17.07
N GLY B 18 27.57 -19.51 -16.95
CA GLY B 18 27.28 -18.60 -18.05
C GLY B 18 25.90 -18.74 -18.68
N SER B 19 24.90 -19.06 -17.87
CA SER B 19 23.53 -19.28 -18.33
C SER B 19 22.51 -18.13 -18.04
N GLN B 20 22.71 -17.38 -16.97
CA GLN B 20 21.72 -16.42 -16.53
C GLN B 20 22.04 -15.01 -16.96
N ILE B 21 21.00 -14.22 -17.18
CA ILE B 21 21.12 -12.78 -17.33
C ILE B 21 20.70 -12.17 -16.00
N LEU B 22 21.50 -11.26 -15.47
CA LEU B 22 21.25 -10.64 -14.19
C LEU B 22 20.80 -9.20 -14.36
N CYS B 23 19.83 -8.77 -13.57
CA CYS B 23 19.41 -7.38 -13.59
C CYS B 23 19.48 -6.86 -12.18
N VAL B 24 20.19 -5.74 -12.02
CA VAL B 24 20.43 -5.13 -10.74
C VAL B 24 19.65 -3.84 -10.71
N GLY B 25 18.82 -3.68 -9.70
CA GLY B 25 18.03 -2.45 -9.61
C GLY B 25 16.97 -2.49 -8.51
N LEU B 26 15.87 -1.80 -8.79
CA LEU B 26 14.81 -1.55 -7.82
C LEU B 26 13.69 -2.55 -7.97
N VAL B 27 13.22 -3.10 -6.87
CA VAL B 27 11.94 -3.77 -6.86
C VAL B 27 11.06 -2.99 -5.90
N VAL B 28 9.79 -2.81 -6.24
CA VAL B 28 8.89 -2.00 -5.41
C VAL B 28 7.48 -2.56 -5.47
N LEU B 29 6.72 -2.45 -4.38
CA LEU B 29 5.35 -2.91 -4.40
C LEU B 29 4.46 -1.72 -4.73
N ASP B 30 3.76 -1.79 -5.85
CA ASP B 30 2.84 -0.73 -6.24
C ASP B 30 1.42 -1.11 -5.90
N VAL B 31 0.80 -0.30 -5.06
CA VAL B 31 -0.61 -0.45 -4.77
C VAL B 31 -1.27 0.57 -5.66
N ILE B 32 -2.20 0.11 -6.48
CA ILE B 32 -2.80 0.92 -7.53
C ILE B 32 -4.32 0.94 -7.35
N SER B 33 -4.86 2.12 -7.07
CA SER B 33 -6.29 2.24 -6.83
C SER B 33 -6.95 3.09 -7.91
N LEU B 34 -8.08 2.65 -8.41
CA LEU B 34 -8.83 3.42 -9.39
C LEU B 34 -10.05 4.05 -8.71
N VAL B 35 -10.27 5.35 -8.90
CA VAL B 35 -11.31 6.07 -8.16
C VAL B 35 -12.24 6.94 -9.02
N ASP B 36 -13.47 7.16 -8.53
CA ASP B 36 -14.42 8.10 -9.13
C ASP B 36 -13.80 9.47 -9.28
N LYS B 37 -13.58 10.10 -8.13
CA LYS B 37 -12.98 11.42 -8.07
C LYS B 37 -11.78 11.35 -7.13
N TYR B 38 -10.80 12.21 -7.37
CA TYR B 38 -9.66 12.30 -6.48
C TYR B 38 -10.17 12.62 -5.07
N PRO B 39 -9.67 11.90 -4.06
CA PRO B 39 -10.13 12.05 -2.69
C PRO B 39 -9.74 13.40 -2.15
N LYS B 40 -10.65 14.05 -1.42
CA LYS B 40 -10.30 15.30 -0.76
C LYS B 40 -9.65 14.95 0.57
N GLU B 41 -8.60 15.67 0.92
CA GLU B 41 -7.89 15.37 2.16
C GLU B 41 -8.80 15.17 3.37
N ASP B 42 -8.55 14.09 4.09
CA ASP B 42 -9.27 13.75 5.31
C ASP B 42 -10.57 12.99 5.04
N SER B 43 -10.76 12.57 3.80
CA SER B 43 -11.93 11.74 3.45
C SER B 43 -11.66 10.23 3.49
N GLU B 44 -12.75 9.48 3.49
CA GLU B 44 -12.73 8.02 3.54
C GLU B 44 -13.54 7.62 2.31
N ILE B 45 -12.88 7.07 1.29
CA ILE B 45 -13.59 6.69 0.06
C ILE B 45 -13.39 5.24 -0.39
N ARG B 46 -14.16 4.82 -1.39
CA ARG B 46 -14.02 3.48 -1.94
C ARG B 46 -13.44 3.60 -3.33
N CYS B 47 -12.45 2.77 -3.61
CA CYS B 47 -11.94 2.71 -4.97
C CYS B 47 -12.94 1.92 -5.79
N LEU B 48 -12.83 2.07 -7.11
CA LEU B 48 -13.52 1.19 -8.04
C LEU B 48 -12.80 -0.16 -8.07
N SER B 49 -11.48 -0.13 -8.20
CA SER B 49 -10.64 -1.33 -8.14
C SER B 49 -9.26 -1.08 -7.51
N GLN B 50 -8.65 -2.13 -6.98
CA GLN B 50 -7.32 -2.01 -6.40
C GLN B 50 -6.44 -3.19 -6.76
N ARG B 51 -5.17 -2.91 -7.06
CA ARG B 51 -4.23 -3.93 -7.50
C ARG B 51 -2.90 -3.78 -6.78
N TRP B 52 -2.34 -4.89 -6.32
CA TRP B 52 -0.97 -4.92 -5.83
C TRP B 52 -0.09 -5.47 -6.93
N GLN B 53 0.91 -4.70 -7.34
CA GLN B 53 1.76 -5.07 -8.46
C GLN B 53 3.24 -4.94 -8.10
N ARG B 54 4.04 -5.92 -8.47
CA ARG B 54 5.48 -5.81 -8.35
C ARG B 54 5.96 -4.85 -9.42
N GLY B 55 6.75 -3.85 -9.05
CA GLY B 55 7.17 -2.80 -9.96
C GLY B 55 8.67 -2.64 -9.85
N GLY B 56 9.22 -1.61 -10.50
CA GLY B 56 10.66 -1.38 -10.55
C GLY B 56 11.22 -1.76 -11.91
N ASN B 57 12.22 -1.01 -12.39
CA ASN B 57 12.82 -1.27 -13.72
C ASN B 57 13.50 -2.62 -13.83
N ALA B 58 14.50 -2.89 -13.00
CA ALA B 58 15.18 -4.16 -13.12
C ALA B 58 14.21 -5.31 -12.84
N SER B 59 13.23 -5.05 -12.00
CA SER B 59 12.20 -6.02 -11.67
C SER B 59 11.38 -6.40 -12.92
N ASN B 60 10.80 -5.42 -13.61
CA ASN B 60 10.04 -5.68 -14.83
C ASN B 60 10.84 -6.37 -15.92
N SER B 61 12.06 -5.90 -16.13
CA SER B 61 12.92 -6.53 -17.12
C SER B 61 13.12 -8.01 -16.82
N CYS B 62 13.27 -8.34 -15.54
CA CYS B 62 13.32 -9.75 -15.15
C CYS B 62 12.08 -10.52 -15.58
N THR B 63 10.89 -9.98 -15.29
CA THR B 63 9.66 -10.66 -15.72
C THR B 63 9.74 -10.96 -17.21
N VAL B 64 10.07 -9.93 -18.00
CA VAL B 64 10.09 -10.03 -19.45
C VAL B 64 11.09 -11.07 -19.96
N LEU B 65 12.32 -11.01 -19.45
CA LEU B 65 13.31 -12.03 -19.77
C LEU B 65 12.81 -13.45 -19.49
N SER B 66 12.15 -13.70 -18.36
CA SER B 66 11.59 -15.02 -18.11
C SER B 66 10.56 -15.43 -19.15
N LEU B 67 9.65 -14.51 -19.48
CA LEU B 67 8.59 -14.82 -20.44
C LEU B 67 9.18 -15.10 -21.82
N LEU B 68 10.33 -14.48 -22.09
CA LEU B 68 11.05 -14.67 -23.34
C LEU B 68 11.81 -15.98 -23.40
N GLY B 69 12.01 -16.64 -22.26
CA GLY B 69 12.71 -17.92 -22.25
C GLY B 69 14.13 -17.86 -21.72
N ALA B 70 14.55 -16.73 -21.15
CA ALA B 70 15.87 -16.61 -20.56
C ALA B 70 15.86 -16.90 -19.08
N PRO B 71 16.81 -17.73 -18.60
CA PRO B 71 16.99 -17.82 -17.14
C PRO B 71 17.52 -16.49 -16.63
N CYS B 72 16.83 -15.86 -15.67
CA CYS B 72 17.26 -14.57 -15.16
C CYS B 72 17.20 -14.51 -13.66
N ALA B 73 18.00 -13.61 -13.13
CA ALA B 73 18.13 -13.46 -11.71
C ALA B 73 17.96 -11.97 -11.44
N PHE B 74 17.49 -11.64 -10.25
CA PHE B 74 17.34 -10.25 -9.83
C PHE B 74 18.27 -9.97 -8.67
N MET B 75 18.93 -8.82 -8.72
CA MET B 75 19.64 -8.32 -7.55
C MET B 75 19.15 -6.95 -7.17
N GLY B 76 18.61 -6.83 -5.96
CA GLY B 76 18.14 -5.58 -5.44
C GLY B 76 18.00 -5.72 -3.94
N SER B 77 17.77 -4.61 -3.25
CA SER B 77 17.59 -4.63 -1.82
C SER B 77 16.16 -5.00 -1.41
N MET B 78 16.03 -5.77 -0.35
CA MET B 78 14.74 -5.96 0.30
C MET B 78 14.96 -6.11 1.80
N ALA B 79 13.95 -5.77 2.58
CA ALA B 79 13.97 -6.04 4.02
C ALA B 79 12.98 -7.16 4.28
N PRO B 80 13.33 -8.08 5.19
CA PRO B 80 12.38 -9.15 5.53
C PRO B 80 11.07 -8.59 6.02
N GLY B 81 9.96 -9.24 5.68
CA GLY B 81 8.66 -8.71 6.04
C GLY B 81 7.62 -9.14 5.04
N HIS B 82 6.39 -8.68 5.24
CA HIS B 82 5.29 -9.15 4.40
C HIS B 82 5.30 -8.57 2.99
N VAL B 83 5.82 -7.35 2.84
CA VAL B 83 5.94 -6.75 1.53
C VAL B 83 6.93 -7.57 0.73
N ALA B 84 8.14 -7.73 1.25
CA ALA B 84 9.14 -8.58 0.61
C ALA B 84 8.57 -9.95 0.25
N ASP B 85 7.72 -10.50 1.11
CA ASP B 85 7.20 -11.86 0.91
C ASP B 85 6.31 -11.87 -0.32
N PHE B 86 5.53 -10.80 -0.48
CA PHE B 86 4.67 -10.66 -1.64
C PHE B 86 5.50 -10.50 -2.92
N LEU B 87 6.46 -9.58 -2.90
CA LEU B 87 7.35 -9.37 -4.05
C LEU B 87 8.08 -10.65 -4.46
N VAL B 88 8.58 -11.40 -3.48
CA VAL B 88 9.31 -12.63 -3.77
C VAL B 88 8.38 -13.71 -4.37
N ALA B 89 7.18 -13.80 -3.85
CA ALA B 89 6.25 -14.77 -4.41
C ALA B 89 5.88 -14.36 -5.86
N ASP B 90 5.84 -13.06 -6.13
CA ASP B 90 5.54 -12.59 -7.48
C ASP B 90 6.71 -12.83 -8.45
N PHE B 91 7.90 -12.45 -8.01
CA PHE B 91 9.12 -12.83 -8.72
C PHE B 91 9.09 -14.29 -9.12
N ARG B 92 8.90 -15.15 -8.13
CA ARG B 92 8.86 -16.59 -8.40
C ARG B 92 7.72 -17.00 -9.32
N ARG B 93 6.61 -16.27 -9.23
CA ARG B 93 5.49 -16.54 -10.10
C ARG B 93 5.89 -16.34 -11.56
N ARG B 94 6.85 -15.43 -11.79
CA ARG B 94 7.36 -15.12 -13.11
C ARG B 94 8.69 -15.82 -13.43
N GLY B 95 8.99 -16.89 -12.71
CA GLY B 95 10.16 -17.71 -12.97
C GLY B 95 11.50 -17.05 -12.70
N VAL B 96 11.49 -15.97 -11.92
CA VAL B 96 12.70 -15.19 -11.65
C VAL B 96 13.47 -15.67 -10.42
N ASP B 97 14.76 -15.92 -10.59
CA ASP B 97 15.63 -16.37 -9.51
C ASP B 97 15.97 -15.21 -8.57
N VAL B 98 15.62 -15.33 -7.29
CA VAL B 98 15.79 -14.23 -6.32
C VAL B 98 16.88 -14.47 -5.25
N SER B 99 17.78 -15.39 -5.50
CA SER B 99 18.77 -15.74 -4.50
C SER B 99 19.91 -14.74 -4.41
N GLN B 100 19.91 -13.71 -5.25
CA GLN B 100 21.00 -12.74 -5.19
C GLN B 100 20.52 -11.56 -4.42
N VAL B 101 19.24 -11.55 -4.05
CA VAL B 101 18.70 -10.39 -3.33
C VAL B 101 19.64 -10.02 -2.18
N ALA B 102 19.89 -8.74 -2.00
CA ALA B 102 20.67 -8.26 -0.88
C ALA B 102 19.74 -7.87 0.26
N TRP B 103 19.58 -8.77 1.25
CA TRP B 103 18.68 -8.53 2.38
C TRP B 103 19.26 -7.57 3.41
N GLN B 104 18.44 -6.63 3.83
CA GLN B 104 18.87 -5.50 4.65
C GLN B 104 18.24 -5.56 6.03
N SER B 105 19.03 -5.19 7.05
CA SER B 105 18.57 -5.22 8.44
C SER B 105 17.88 -3.91 8.83
N LYS B 106 18.05 -2.86 8.04
CA LYS B 106 17.40 -1.59 8.31
C LYS B 106 16.72 -1.04 7.05
N GLY B 107 15.53 -0.45 7.23
CA GLY B 107 14.81 0.17 6.13
C GLY B 107 13.51 -0.52 5.72
N ASP B 108 12.69 0.18 4.94
CA ASP B 108 11.46 -0.38 4.36
C ASP B 108 11.69 -0.98 2.98
N THR B 109 11.15 -2.17 2.72
CA THR B 109 11.06 -2.65 1.34
C THR B 109 10.14 -1.64 0.64
N PRO B 110 10.59 -1.11 -0.52
CA PRO B 110 9.92 0.00 -1.21
C PRO B 110 8.48 -0.34 -1.51
N SER B 111 7.61 0.63 -1.32
CA SER B 111 6.23 0.41 -1.62
C SER B 111 5.69 1.74 -2.04
N SER B 112 4.92 1.77 -3.12
CA SER B 112 4.38 3.03 -3.62
C SER B 112 2.90 2.94 -3.76
N CYS B 113 2.26 4.09 -3.66
CA CYS B 113 0.82 4.19 -3.67
C CYS B 113 0.45 5.03 -4.88
N CYS B 114 -0.45 4.51 -5.70
CA CYS B 114 -0.81 5.20 -6.92
C CYS B 114 -2.32 5.25 -7.03
N ILE B 115 -2.83 6.45 -7.31
CA ILE B 115 -4.26 6.68 -7.32
C ILE B 115 -4.67 7.18 -8.69
N ILE B 116 -5.34 6.32 -9.44
CA ILE B 116 -5.75 6.64 -10.81
C ILE B 116 -7.18 7.15 -10.84
N ASN B 117 -7.33 8.41 -11.26
CA ASN B 117 -8.63 9.05 -11.36
C ASN B 117 -9.35 8.50 -12.57
N ASN B 118 -10.49 7.85 -12.36
CA ASN B 118 -11.20 7.18 -13.44
C ASN B 118 -11.94 8.14 -14.38
N SER B 119 -12.37 9.29 -13.84
CA SER B 119 -13.11 10.27 -14.64
C SER B 119 -12.23 11.32 -15.33
N ASN B 120 -11.00 10.95 -15.73
CA ASN B 120 -10.12 11.87 -16.43
C ASN B 120 -8.71 11.35 -16.68
N GLY B 121 -8.42 10.14 -16.19
CA GLY B 121 -7.17 9.47 -16.48
C GLY B 121 -5.95 9.74 -15.60
N ASN B 122 -5.94 10.86 -14.90
CA ASN B 122 -4.77 11.27 -14.09
C ASN B 122 -4.27 10.26 -13.08
N ARG B 123 -2.94 10.15 -13.00
CA ARG B 123 -2.31 9.32 -12.00
C ARG B 123 -1.69 10.25 -10.96
N THR B 124 -1.99 10.00 -9.69
CA THR B 124 -1.36 10.72 -8.58
C THR B 124 -0.51 9.75 -7.78
N ILE B 125 0.77 10.04 -7.62
CA ILE B 125 1.67 9.04 -7.06
C ILE B 125 2.37 9.42 -5.76
N VAL B 126 2.24 8.59 -4.73
CA VAL B 126 3.05 8.73 -3.54
C VAL B 126 4.22 7.74 -3.62
N LEU B 127 5.43 8.27 -3.82
CA LEU B 127 6.62 7.45 -4.01
C LEU B 127 7.09 6.76 -2.74
N HIS B 128 7.75 5.62 -2.92
CA HIS B 128 8.29 4.86 -1.81
C HIS B 128 9.30 5.67 -1.00
N ASP B 129 9.37 5.42 0.30
CA ASP B 129 10.31 6.15 1.12
C ASP B 129 11.75 5.70 0.83
N THR B 130 12.71 6.44 1.39
CA THR B 130 14.13 6.34 1.05
C THR B 130 14.93 5.49 2.05
N SER B 131 14.24 4.84 2.97
CA SER B 131 14.87 4.14 4.08
C SER B 131 15.81 2.99 3.71
N LEU B 132 15.44 2.19 2.71
CA LEU B 132 16.22 0.99 2.37
C LEU B 132 17.46 1.37 1.58
N PRO B 133 18.62 0.91 2.05
CA PRO B 133 19.93 1.11 1.42
C PRO B 133 20.09 0.34 0.11
N ASP B 134 20.60 1.01 -0.94
CA ASP B 134 20.77 0.40 -2.25
C ASP B 134 21.81 -0.70 -2.18
N VAL B 135 21.82 -1.59 -3.17
CA VAL B 135 22.87 -2.60 -3.29
C VAL B 135 24.23 -1.90 -3.34
N SER B 136 25.21 -2.36 -2.55
CA SER B 136 26.51 -1.69 -2.54
C SER B 136 27.56 -2.49 -3.28
N ALA B 137 28.73 -1.86 -3.46
CA ALA B 137 29.80 -2.48 -4.21
C ALA B 137 30.35 -3.67 -3.45
N THR B 138 30.23 -3.62 -2.12
CA THR B 138 30.66 -4.75 -1.31
C THR B 138 29.60 -5.84 -1.27
N ASP B 139 28.33 -5.45 -1.22
CA ASP B 139 27.27 -6.42 -1.46
C ASP B 139 27.60 -7.21 -2.76
N PHE B 140 27.97 -6.49 -3.82
CA PHE B 140 28.17 -7.08 -5.14
C PHE B 140 29.46 -7.88 -5.27
N GLU B 141 30.49 -7.50 -4.51
CA GLU B 141 31.73 -8.26 -4.43
C GLU B 141 31.48 -9.72 -4.08
N LYS B 142 30.49 -9.97 -3.24
CA LYS B 142 30.24 -11.32 -2.72
C LYS B 142 29.63 -12.25 -3.78
N VAL B 143 29.25 -11.70 -4.93
CA VAL B 143 28.56 -12.47 -5.95
C VAL B 143 29.50 -13.22 -6.89
N ASP B 144 29.36 -14.54 -6.96
CA ASP B 144 30.15 -15.29 -7.93
C ASP B 144 29.51 -15.04 -9.29
N LEU B 145 30.30 -14.49 -10.20
CA LEU B 145 29.80 -14.05 -11.49
C LEU B 145 29.71 -15.15 -12.55
N THR B 146 30.31 -16.31 -12.29
CA THR B 146 30.37 -17.31 -13.36
C THR B 146 29.00 -17.78 -13.91
N GLN B 147 27.92 -17.64 -13.13
CA GLN B 147 26.59 -18.05 -13.60
C GLN B 147 26.03 -17.14 -14.69
N PHE B 148 26.59 -15.94 -14.82
CA PHE B 148 26.00 -14.94 -15.69
C PHE B 148 26.68 -14.79 -17.04
N LYS B 149 25.86 -14.64 -18.08
CA LYS B 149 26.37 -14.41 -19.43
C LYS B 149 26.22 -12.94 -19.75
N TRP B 150 25.31 -12.28 -19.05
CA TRP B 150 25.01 -10.86 -19.27
C TRP B 150 24.64 -10.23 -17.95
N ILE B 151 25.09 -9.01 -17.70
CA ILE B 151 24.66 -8.31 -16.50
C ILE B 151 24.13 -6.92 -16.82
N HIS B 152 22.89 -6.64 -16.44
CA HIS B 152 22.27 -5.36 -16.73
C HIS B 152 22.04 -4.57 -15.43
N ILE B 153 22.38 -3.28 -15.46
CA ILE B 153 22.35 -2.45 -14.26
C ILE B 153 21.47 -1.22 -14.45
N GLU B 154 20.39 -1.14 -13.67
CA GLU B 154 19.54 0.05 -13.67
C GLU B 154 20.30 1.10 -12.89
N GLY B 155 20.51 2.27 -13.47
CA GLY B 155 21.30 3.29 -12.82
C GLY B 155 20.59 3.91 -11.62
N ARG B 156 21.21 3.80 -10.45
CA ARG B 156 20.61 4.35 -9.25
C ARG B 156 21.65 5.10 -8.42
N ASN B 157 22.52 4.35 -7.76
CA ASN B 157 23.59 4.91 -6.92
C ASN B 157 24.91 4.80 -7.64
N ALA B 158 25.14 5.71 -8.58
CA ALA B 158 26.18 5.53 -9.61
C ALA B 158 27.61 5.39 -9.07
N SER B 159 27.97 6.14 -8.05
CA SER B 159 29.34 5.99 -7.53
C SER B 159 29.64 4.54 -7.11
N GLU B 160 28.67 3.89 -6.46
CA GLU B 160 28.78 2.49 -6.07
C GLU B 160 28.69 1.54 -7.25
N GLN B 161 27.79 1.84 -8.19
CA GLN B 161 27.60 0.98 -9.34
C GLN B 161 28.81 1.02 -10.27
N VAL B 162 29.55 2.13 -10.25
CA VAL B 162 30.78 2.19 -11.02
C VAL B 162 31.78 1.14 -10.60
N LYS B 163 31.87 0.89 -9.29
CA LYS B 163 32.79 -0.12 -8.77
C LYS B 163 32.40 -1.53 -9.21
N MET B 164 31.09 -1.81 -9.20
CA MET B 164 30.56 -3.09 -9.70
C MET B 164 30.99 -3.30 -11.15
N LEU B 165 30.79 -2.27 -11.95
CA LEU B 165 31.16 -2.30 -13.36
C LEU B 165 32.68 -2.52 -13.50
N GLN B 166 33.46 -1.83 -12.67
CA GLN B 166 34.90 -2.08 -12.66
C GLN B 166 35.21 -3.54 -12.29
N ARG B 167 34.48 -4.10 -11.33
CA ARG B 167 34.67 -5.52 -11.02
C ARG B 167 34.44 -6.43 -12.25
N ILE B 168 33.33 -6.25 -12.95
CA ILE B 168 33.07 -7.07 -14.12
C ILE B 168 34.15 -6.87 -15.16
N ASP B 169 34.66 -5.64 -15.28
CA ASP B 169 35.75 -5.39 -16.22
C ASP B 169 36.98 -6.21 -15.85
N ALA B 170 37.31 -6.20 -14.56
CA ALA B 170 38.35 -7.08 -14.05
C ALA B 170 38.07 -8.54 -14.39
N HIS B 171 36.91 -9.05 -13.97
CA HIS B 171 36.55 -10.44 -14.31
C HIS B 171 36.78 -10.79 -15.79
N ASN B 172 36.33 -9.92 -16.68
CA ASN B 172 36.33 -10.18 -18.12
C ASN B 172 37.75 -10.24 -18.67
N THR B 173 38.58 -9.39 -18.09
CA THR B 173 40.00 -9.29 -18.41
C THR B 173 40.69 -10.63 -18.62
N ARG B 174 40.25 -11.63 -17.87
CA ARG B 174 40.94 -12.89 -17.81
C ARG B 174 40.17 -14.04 -18.43
N GLN B 175 39.31 -13.75 -19.40
CA GLN B 175 38.47 -14.80 -19.98
C GLN B 175 38.63 -14.87 -21.49
N PRO B 176 38.58 -16.09 -22.04
CA PRO B 176 38.36 -16.25 -23.48
C PRO B 176 37.13 -15.43 -23.85
N PRO B 177 37.20 -14.64 -24.94
CA PRO B 177 36.08 -13.78 -25.35
C PRO B 177 34.73 -14.49 -25.46
N GLU B 178 34.72 -15.82 -25.46
CA GLU B 178 33.46 -16.55 -25.50
C GLU B 178 32.84 -16.72 -24.12
N GLN B 179 33.61 -16.38 -23.08
CA GLN B 179 33.11 -16.40 -21.72
C GLN B 179 33.26 -15.03 -21.05
N LYS B 180 33.31 -13.98 -21.86
CA LYS B 180 33.28 -12.66 -21.31
C LYS B 180 31.82 -12.33 -21.05
N ILE B 181 31.56 -11.72 -19.90
CA ILE B 181 30.23 -11.33 -19.50
C ILE B 181 29.83 -10.00 -20.15
N ARG B 182 28.80 -10.02 -21.00
CA ARG B 182 28.32 -8.79 -21.62
C ARG B 182 27.62 -7.92 -20.57
N VAL B 183 27.68 -6.60 -20.73
CA VAL B 183 27.20 -5.69 -19.71
C VAL B 183 26.37 -4.58 -20.34
N SER B 184 25.25 -4.24 -19.71
CA SER B 184 24.44 -3.14 -20.19
C SER B 184 24.00 -2.27 -19.05
N VAL B 185 23.75 -1.02 -19.34
CA VAL B 185 23.46 -0.01 -18.34
C VAL B 185 22.25 0.77 -18.80
N GLU B 186 21.41 1.20 -17.87
CA GLU B 186 20.31 2.06 -18.21
C GLU B 186 20.40 3.34 -17.40
N VAL B 187 20.35 4.47 -18.09
CA VAL B 187 20.25 5.76 -17.46
C VAL B 187 18.84 6.31 -17.77
N GLU B 188 17.95 6.28 -16.79
CA GLU B 188 16.56 6.60 -17.08
C GLU B 188 15.99 7.78 -16.31
N LYS B 189 16.65 8.15 -15.22
CA LYS B 189 16.26 9.33 -14.48
C LYS B 189 17.22 10.47 -14.81
N PRO B 190 16.69 11.67 -15.05
CA PRO B 190 17.56 12.77 -15.47
C PRO B 190 18.28 13.40 -14.30
N ARG B 191 19.25 12.71 -13.70
CA ARG B 191 20.02 13.26 -12.59
C ARG B 191 21.52 13.13 -12.81
N GLU B 192 22.26 14.20 -12.51
CA GLU B 192 23.67 14.30 -12.92
C GLU B 192 24.53 13.09 -12.53
N GLU B 193 24.32 12.57 -11.33
CA GLU B 193 25.17 11.49 -10.84
C GLU B 193 25.26 10.34 -11.84
N LEU B 194 24.12 9.96 -12.41
CA LEU B 194 24.05 8.80 -13.30
C LEU B 194 24.89 8.94 -14.56
N PHE B 195 25.11 10.17 -15.01
CA PHE B 195 25.73 10.39 -16.32
C PHE B 195 27.12 9.76 -16.44
N GLN B 196 27.82 9.60 -15.33
CA GLN B 196 29.10 8.92 -15.39
C GLN B 196 28.91 7.48 -15.79
N LEU B 197 27.68 7.00 -15.71
CA LEU B 197 27.41 5.59 -16.04
C LEU B 197 27.45 5.40 -17.52
N PHE B 198 27.43 6.49 -18.28
CA PHE B 198 27.50 6.42 -19.73
C PHE B 198 28.77 5.71 -20.13
N GLY B 199 29.81 5.89 -19.32
CA GLY B 199 31.14 5.37 -19.63
C GLY B 199 31.36 3.87 -19.48
N TYR B 200 30.31 3.13 -19.14
CA TYR B 200 30.45 1.72 -18.80
C TYR B 200 29.47 0.86 -19.57
N GLY B 201 29.76 -0.44 -19.69
CA GLY B 201 28.84 -1.32 -20.36
C GLY B 201 29.02 -1.34 -21.86
N ASP B 202 28.70 -2.49 -22.47
CA ASP B 202 28.74 -2.71 -23.90
C ASP B 202 27.51 -2.12 -24.57
N VAL B 203 26.43 -2.00 -23.82
CA VAL B 203 25.20 -1.42 -24.33
C VAL B 203 24.68 -0.44 -23.30
N VAL B 204 24.40 0.78 -23.73
CA VAL B 204 23.94 1.83 -22.84
C VAL B 204 22.55 2.23 -23.29
N PHE B 205 21.57 2.17 -22.41
CA PHE B 205 20.24 2.62 -22.76
C PHE B 205 20.03 3.99 -22.14
N VAL B 206 19.61 4.95 -22.93
CA VAL B 206 19.28 6.24 -22.38
C VAL B 206 17.80 6.48 -22.67
N SER B 207 17.06 7.02 -21.71
CA SER B 207 15.63 7.20 -21.91
C SER B 207 15.30 8.49 -22.62
N LYS B 208 14.14 8.51 -23.29
CA LYS B 208 13.60 9.74 -23.86
C LYS B 208 13.52 10.89 -22.86
N ASP B 209 13.17 10.57 -21.63
CA ASP B 209 13.01 11.58 -20.61
C ASP B 209 14.34 12.24 -20.28
N VAL B 210 15.39 11.43 -20.13
CA VAL B 210 16.71 11.95 -19.83
C VAL B 210 17.23 12.76 -20.99
N ALA B 211 17.03 12.24 -22.19
CA ALA B 211 17.48 12.92 -23.41
C ALA B 211 16.82 14.29 -23.54
N LYS B 212 15.51 14.34 -23.32
CA LYS B 212 14.80 15.62 -23.31
C LYS B 212 15.41 16.62 -22.32
N HIS B 213 15.75 16.17 -21.11
CA HIS B 213 16.32 17.08 -20.12
C HIS B 213 17.67 17.63 -20.54
N LEU B 214 18.44 16.84 -21.28
CA LEU B 214 19.71 17.31 -21.80
C LEU B 214 19.51 18.20 -23.02
N GLY B 215 18.25 18.40 -23.40
CA GLY B 215 17.89 19.30 -24.48
C GLY B 215 17.79 18.72 -25.89
N PHE B 216 17.68 17.41 -25.97
CA PHE B 216 17.64 16.73 -27.26
C PHE B 216 16.20 16.47 -27.65
N GLN B 217 15.88 16.71 -28.92
CA GLN B 217 14.49 16.66 -29.34
C GLN B 217 14.11 15.42 -30.12
N SER B 218 15.05 14.48 -30.23
CA SER B 218 14.79 13.25 -30.98
C SER B 218 15.81 12.18 -30.64
N ALA B 219 15.49 10.94 -30.94
CA ALA B 219 16.39 9.83 -30.67
C ALA B 219 17.70 10.08 -31.40
N GLU B 220 17.62 10.55 -32.64
CA GLU B 220 18.79 10.88 -33.46
C GLU B 220 19.65 12.01 -32.82
N GLU B 221 19.04 13.14 -32.47
CA GLU B 221 19.76 14.16 -31.73
C GLU B 221 20.44 13.62 -30.45
N ALA B 222 19.75 12.73 -29.74
CA ALA B 222 20.27 12.23 -28.47
C ALA B 222 21.45 11.27 -28.68
N LEU B 223 21.29 10.29 -29.58
CA LEU B 223 22.39 9.38 -29.87
C LEU B 223 23.63 10.09 -30.38
N ARG B 224 23.48 10.99 -31.35
CA ARG B 224 24.63 11.73 -31.87
C ARG B 224 25.20 12.64 -30.80
N GLY B 225 24.34 13.24 -29.99
CA GLY B 225 24.79 14.19 -29.00
C GLY B 225 25.49 13.57 -27.78
N LEU B 226 25.30 12.27 -27.58
CA LEU B 226 25.75 11.63 -26.35
C LEU B 226 26.77 10.55 -26.61
N TYR B 227 26.90 10.13 -27.86
CA TYR B 227 27.77 9.00 -28.13
C TYR B 227 29.19 9.26 -27.65
N GLY B 228 29.55 10.53 -27.56
CA GLY B 228 30.84 10.92 -27.06
C GLY B 228 31.11 10.35 -25.68
N ARG B 229 30.06 10.11 -24.93
CA ARG B 229 30.22 9.80 -23.52
C ARG B 229 30.41 8.31 -23.23
N VAL B 230 30.29 7.45 -24.25
CA VAL B 230 30.35 6.01 -24.05
C VAL B 230 31.76 5.45 -24.27
N ARG B 231 31.98 4.19 -23.90
CA ARG B 231 33.31 3.62 -24.00
C ARG B 231 33.56 3.03 -25.38
N LYS B 232 34.83 2.93 -25.77
CA LYS B 232 35.14 2.50 -27.13
C LYS B 232 34.40 1.20 -27.41
N GLY B 233 33.67 1.18 -28.52
CA GLY B 233 33.04 -0.03 -28.98
C GLY B 233 31.61 -0.25 -28.50
N ALA B 234 31.12 0.63 -27.63
CA ALA B 234 29.78 0.47 -27.07
C ALA B 234 28.68 0.86 -28.05
N VAL B 235 27.50 0.31 -27.84
CA VAL B 235 26.31 0.70 -28.56
C VAL B 235 25.40 1.51 -27.64
N LEU B 236 24.96 2.68 -28.11
CA LEU B 236 24.06 3.57 -27.35
C LEU B 236 22.64 3.48 -27.92
N VAL B 237 21.66 3.23 -27.06
CA VAL B 237 20.31 2.92 -27.52
C VAL B 237 19.30 3.85 -26.90
N CYS B 238 18.41 4.38 -27.75
CA CYS B 238 17.35 5.26 -27.28
C CYS B 238 16.00 4.95 -27.93
N ALA B 239 15.01 4.70 -27.09
CA ALA B 239 13.67 4.43 -27.57
C ALA B 239 12.87 5.70 -27.44
N TRP B 240 11.98 5.99 -28.41
CA TRP B 240 11.24 7.24 -28.40
C TRP B 240 9.75 7.01 -28.61
N ALA B 241 9.18 6.15 -27.77
CA ALA B 241 7.75 5.83 -27.82
C ALA B 241 7.33 5.44 -29.23
N GLU B 242 6.40 6.20 -29.81
CA GLU B 242 5.84 5.79 -31.11
C GLU B 242 6.68 6.20 -32.31
N GLU B 243 7.77 6.92 -32.07
CA GLU B 243 8.78 7.20 -33.10
C GLU B 243 9.78 6.06 -33.24
N GLY B 244 9.53 4.92 -32.60
CA GLY B 244 10.43 3.78 -32.65
C GLY B 244 11.69 3.92 -31.82
N ALA B 245 12.76 3.30 -32.28
CA ALA B 245 14.01 3.34 -31.52
C ALA B 245 15.20 3.43 -32.43
N ASP B 246 16.24 4.12 -31.97
CA ASP B 246 17.52 4.11 -32.68
C ASP B 246 18.64 3.48 -31.84
N ALA B 247 19.63 2.92 -32.53
CA ALA B 247 20.90 2.58 -31.90
C ALA B 247 22.06 3.14 -32.72
N LEU B 248 23.19 3.34 -32.05
CA LEU B 248 24.36 3.90 -32.67
C LEU B 248 25.59 3.23 -32.12
N GLY B 249 26.29 2.50 -33.00
CA GLY B 249 27.47 1.77 -32.61
C GLY B 249 28.79 2.43 -32.90
N PRO B 250 29.88 1.67 -32.75
CA PRO B 250 31.22 2.23 -32.94
C PRO B 250 31.49 2.60 -34.39
N ASP B 251 30.70 2.09 -35.33
CA ASP B 251 30.96 2.36 -36.74
C ASP B 251 30.25 3.62 -37.25
N GLY B 252 29.52 4.30 -36.38
CA GLY B 252 28.93 5.58 -36.71
C GLY B 252 27.60 5.56 -37.43
N LYS B 253 27.10 4.38 -37.74
CA LYS B 253 25.87 4.27 -38.50
C LYS B 253 24.64 4.27 -37.58
N LEU B 254 23.78 5.27 -37.74
CA LEU B 254 22.55 5.34 -36.94
C LEU B 254 21.55 4.29 -37.41
N LEU B 255 21.23 3.35 -36.53
CA LEU B 255 20.27 2.30 -36.87
C LEU B 255 18.92 2.72 -36.34
N HIS B 256 17.86 2.19 -36.94
CA HIS B 256 16.53 2.61 -36.58
C HIS B 256 15.47 1.56 -36.86
N SER B 257 14.46 1.49 -36.00
CA SER B 257 13.28 0.69 -36.26
C SER B 257 12.04 1.49 -35.89
N ASP B 258 10.99 1.38 -36.68
CA ASP B 258 9.75 2.08 -36.32
C ASP B 258 9.03 1.34 -35.22
N ALA B 259 8.22 2.07 -34.46
CA ALA B 259 7.35 1.48 -33.48
C ALA B 259 6.41 0.48 -34.12
N PHE B 260 5.94 -0.47 -33.33
CA PHE B 260 4.90 -1.39 -33.74
C PHE B 260 3.71 -1.18 -32.82
N PRO B 261 3.02 -0.04 -32.97
CA PRO B 261 1.88 0.30 -32.10
C PRO B 261 0.83 -0.79 -32.17
N PRO B 262 0.13 -1.04 -31.06
CA PRO B 262 -0.88 -2.09 -30.98
C PRO B 262 -2.24 -1.58 -31.45
N PRO B 263 -3.15 -2.50 -31.84
CA PRO B 263 -4.51 -2.17 -32.28
C PRO B 263 -5.09 -0.95 -31.54
N ARG B 264 -5.06 -0.99 -30.21
CA ARG B 264 -5.32 0.19 -29.40
C ARG B 264 -4.51 0.11 -28.10
N VAL B 265 -4.05 1.26 -27.60
CA VAL B 265 -3.17 1.31 -26.43
C VAL B 265 -3.88 1.20 -25.06
N VAL B 266 -3.49 0.20 -24.29
CA VAL B 266 -4.18 -0.22 -23.07
C VAL B 266 -3.38 0.08 -21.79
N ASP B 267 -2.08 -0.20 -21.84
CA ASP B 267 -1.21 -0.13 -20.67
C ASP B 267 0.26 0.04 -21.08
N THR B 268 0.75 1.28 -21.01
CA THR B 268 2.13 1.58 -21.39
C THR B 268 3.09 1.40 -20.22
N LEU B 269 2.56 1.24 -19.01
CA LEU B 269 3.39 1.03 -17.83
C LEU B 269 4.39 -0.11 -18.03
N GLY B 270 5.67 0.23 -18.02
CA GLY B 270 6.71 -0.77 -18.07
C GLY B 270 7.07 -1.20 -19.48
N ALA B 271 6.66 -0.42 -20.46
CA ALA B 271 6.96 -0.76 -21.85
C ALA B 271 8.43 -0.48 -22.18
N GLY B 272 9.00 0.56 -21.59
CA GLY B 272 10.43 0.83 -21.73
C GLY B 272 11.28 -0.31 -21.16
N ASP B 273 10.79 -0.94 -20.10
CA ASP B 273 11.47 -2.07 -19.46
C ASP B 273 11.35 -3.29 -20.35
N THR B 274 10.23 -3.35 -21.07
CA THR B 274 10.00 -4.44 -22.00
C THR B 274 10.94 -4.29 -23.21
N PHE B 275 11.11 -3.04 -23.65
CA PHE B 275 12.09 -2.72 -24.68
C PHE B 275 13.51 -3.12 -24.24
N ASN B 276 14.01 -2.53 -23.16
CA ASN B 276 15.33 -2.93 -22.65
C ASN B 276 15.56 -4.44 -22.60
N ALA B 277 14.68 -5.17 -21.90
CA ALA B 277 14.84 -6.63 -21.77
C ALA B 277 14.82 -7.36 -23.12
N SER B 278 13.97 -6.92 -24.04
CA SER B 278 13.90 -7.55 -25.36
C SER B 278 15.18 -7.33 -26.18
N VAL B 279 15.69 -6.10 -26.17
CA VAL B 279 16.95 -5.82 -26.82
C VAL B 279 18.01 -6.73 -26.24
N ILE B 280 18.19 -6.65 -24.93
CA ILE B 280 19.17 -7.49 -24.24
C ILE B 280 19.02 -8.96 -24.62
N PHE B 281 17.81 -9.46 -24.57
CA PHE B 281 17.58 -10.85 -24.93
C PHE B 281 18.11 -11.15 -26.34
N SER B 282 17.63 -10.37 -27.31
CA SER B 282 18.01 -10.53 -28.69
C SER B 282 19.53 -10.56 -28.86
N LEU B 283 20.22 -9.52 -28.39
CA LEU B 283 21.67 -9.47 -28.46
C LEU B 283 22.31 -10.70 -27.81
N SER B 284 21.84 -11.07 -26.62
CA SER B 284 22.43 -12.17 -25.89
C SER B 284 22.31 -13.45 -26.70
N GLN B 285 21.30 -13.51 -27.56
CA GLN B 285 21.10 -14.66 -28.45
C GLN B 285 21.95 -14.54 -29.72
N GLY B 286 22.91 -13.62 -29.69
CA GLY B 286 23.76 -13.38 -30.85
C GLY B 286 23.15 -12.73 -32.08
N ARG B 287 21.99 -12.08 -31.95
CA ARG B 287 21.44 -11.35 -33.08
C ARG B 287 22.16 -10.02 -33.22
N SER B 288 21.96 -9.38 -34.36
CA SER B 288 22.65 -8.12 -34.63
C SER B 288 21.87 -6.99 -34.01
N VAL B 289 22.54 -5.89 -33.72
CA VAL B 289 21.86 -4.71 -33.20
C VAL B 289 20.59 -4.34 -33.98
N GLN B 290 20.62 -4.40 -35.31
CA GLN B 290 19.45 -3.99 -36.08
C GLN B 290 18.28 -4.90 -35.77
N GLU B 291 18.54 -6.22 -35.65
CA GLU B 291 17.50 -7.22 -35.30
C GLU B 291 17.02 -7.03 -33.84
N ALA B 292 17.93 -6.72 -32.93
CA ALA B 292 17.60 -6.43 -31.54
C ALA B 292 16.64 -5.22 -31.42
N LEU B 293 16.96 -4.15 -32.14
CA LEU B 293 16.16 -2.93 -32.16
C LEU B 293 14.74 -3.26 -32.58
N ARG B 294 14.64 -4.07 -33.64
CA ARG B 294 13.36 -4.38 -34.23
C ARG B 294 12.54 -5.25 -33.27
N PHE B 295 13.14 -6.35 -32.83
CA PHE B 295 12.53 -7.22 -31.83
C PHE B 295 12.05 -6.41 -30.60
N GLY B 296 12.95 -5.59 -30.08
CA GLY B 296 12.65 -4.76 -28.94
C GLY B 296 11.40 -3.97 -29.22
N CYS B 297 11.31 -3.42 -30.42
CA CYS B 297 10.17 -2.58 -30.78
C CYS B 297 8.89 -3.38 -30.90
N GLN B 298 8.99 -4.62 -31.36
CA GLN B 298 7.80 -5.45 -31.49
C GLN B 298 7.22 -5.81 -30.13
N VAL B 299 8.07 -6.35 -29.27
CA VAL B 299 7.58 -6.85 -28.01
C VAL B 299 7.00 -5.69 -27.20
N ALA B 300 7.67 -4.54 -27.24
CA ALA B 300 7.22 -3.39 -26.48
C ALA B 300 5.85 -2.88 -26.96
N GLY B 301 5.66 -2.89 -28.27
CA GLY B 301 4.42 -2.44 -28.87
C GLY B 301 3.28 -3.38 -28.51
N LYS B 302 3.55 -4.67 -28.61
CA LYS B 302 2.57 -5.66 -28.16
C LYS B 302 2.16 -5.40 -26.71
N LYS B 303 3.16 -5.26 -25.82
CA LYS B 303 2.87 -5.05 -24.40
C LYS B 303 1.93 -3.86 -24.16
N CYS B 304 2.06 -2.83 -24.98
CA CYS B 304 1.25 -1.63 -24.81
C CYS B 304 -0.24 -1.84 -25.04
N GLY B 305 -0.60 -2.86 -25.81
CA GLY B 305 -1.99 -3.21 -26.02
C GLY B 305 -2.48 -4.22 -24.99
N LEU B 306 -1.61 -4.57 -24.06
CA LEU B 306 -1.91 -5.59 -23.07
C LEU B 306 -1.94 -5.02 -21.65
N GLN B 307 -2.79 -5.61 -20.80
CA GLN B 307 -2.76 -5.28 -19.38
C GLN B 307 -1.70 -6.15 -18.72
N GLY B 308 -0.64 -5.49 -18.25
CA GLY B 308 0.50 -6.20 -17.69
C GLY B 308 1.36 -6.88 -18.75
N PHE B 309 1.96 -8.00 -18.34
CA PHE B 309 2.97 -8.71 -19.13
C PHE B 309 2.50 -10.08 -19.61
N ASP B 310 1.31 -10.50 -19.18
CA ASP B 310 0.85 -11.87 -19.45
C ASP B 310 0.95 -12.31 -20.93
N GLY B 311 0.39 -11.55 -21.85
CA GLY B 311 0.40 -11.99 -23.23
C GLY B 311 1.44 -11.43 -24.19
N ILE B 312 2.55 -10.88 -23.70
CA ILE B 312 3.56 -10.32 -24.61
C ILE B 312 4.21 -11.46 -25.41
N VAL B 313 4.09 -12.67 -24.86
CA VAL B 313 4.68 -13.91 -25.39
C VAL B 313 6.01 -13.73 -26.17
#